data_1QTS
#
_entry.id   1QTS
#
_cell.length_a   40.807
_cell.length_b   72.749
_cell.length_c   41.861
_cell.angle_alpha   90.00
_cell.angle_beta   99.69
_cell.angle_gamma   90.00
#
_symmetry.space_group_name_H-M   'P 1 21 1'
#
loop_
_entity.id
_entity.type
_entity.pdbx_description
1 polymer 'AP-2 CLATHRIN ADAPTOR ALPHA SUBUNIT (ALPHA-ADAPTIN C)'
2 water water
#
_entity_poly.entity_id   1
_entity_poly.type   'polypeptide(L)'
_entity_poly.pdbx_seq_one_letter_code
;GSPGIRLGSSEDNFARFVCKNNGVLFENQLLQIGLKSEFRQNLGRMFIFYGNKTSTQFLNFTPTLICADDLQTNLNLQTK
PVDPTVDGGAQVQQVVNIECISDFTEAPVLNIQFRYGGTFQNVSVKLPITLNKFFQPTEMASQDFFQRWKQLSNPQQEVQ
NIFKAKHPMDTEITKAKIIGFGSALLEEVDPNPANFVGAGIIHTKTTQIGCLLRLEPNLQAQMYRLTLRTSKDTVSQRLC
ELLSEQF
;
_entity_poly.pdbx_strand_id   A
#
# COMPACT_ATOMS: atom_id res chain seq x y z
N GLY A 1 8.35 -0.28 -13.69
CA GLY A 1 6.99 -0.81 -13.94
C GLY A 1 6.75 -1.05 -15.43
N SER A 2 5.53 -1.41 -15.79
CA SER A 2 5.18 -1.66 -17.18
C SER A 2 5.32 -0.38 -18.00
N PRO A 3 5.85 -0.49 -19.22
CA PRO A 3 6.02 0.64 -20.11
C PRO A 3 4.67 1.10 -20.67
N GLY A 4 4.67 2.28 -21.28
CA GLY A 4 3.49 2.82 -21.93
C GLY A 4 2.60 3.63 -21.00
N ILE A 5 1.67 4.36 -21.63
CA ILE A 5 0.77 5.23 -20.88
C ILE A 5 -0.12 4.46 -19.91
N ARG A 6 -0.09 4.86 -18.66
CA ARG A 6 -0.86 4.23 -17.60
C ARG A 6 -2.12 5.07 -17.33
N LEU A 7 -3.06 4.95 -18.23
CA LEU A 7 -4.36 5.61 -18.14
C LEU A 7 -5.38 4.60 -18.71
N GLY A 8 -6.25 4.14 -17.83
CA GLY A 8 -7.16 3.02 -18.21
C GLY A 8 -6.41 1.71 -17.97
N SER A 9 -5.34 1.76 -17.17
CA SER A 9 -4.56 0.57 -16.88
C SER A 9 -5.07 -0.07 -15.58
N SER A 10 -4.49 -1.20 -15.21
CA SER A 10 -4.86 -1.86 -13.97
C SER A 10 -4.34 -1.16 -12.72
N GLU A 11 -3.50 -0.14 -12.87
CA GLU A 11 -2.95 0.49 -11.66
C GLU A 11 -3.04 2.00 -11.68
N ASP A 12 -4.03 2.57 -12.34
CA ASP A 12 -4.16 4.02 -12.42
C ASP A 12 -4.04 4.68 -11.06
N ASN A 13 -4.75 4.17 -10.05
CA ASN A 13 -4.84 4.84 -8.77
C ASN A 13 -4.18 4.05 -7.65
N PHE A 14 -3.43 3.03 -7.99
CA PHE A 14 -2.83 2.16 -6.98
C PHE A 14 -2.03 2.93 -5.93
N ALA A 15 -1.18 3.86 -6.37
CA ALA A 15 -0.30 4.59 -5.50
C ALA A 15 -0.99 5.51 -4.53
N ARG A 16 -2.26 5.84 -4.72
CA ARG A 16 -3.01 6.68 -3.82
C ARG A 16 -3.48 5.92 -2.58
N PHE A 17 -3.23 4.60 -2.55
CA PHE A 17 -3.69 3.77 -1.47
C PHE A 17 -2.56 3.13 -0.68
N VAL A 18 -1.38 3.71 -0.78
CA VAL A 18 -0.22 3.18 -0.01
C VAL A 18 -0.20 3.79 1.37
N CYS A 19 -0.46 5.10 1.46
CA CYS A 19 -0.45 5.80 2.73
C CYS A 19 -1.84 6.14 3.23
N LYS A 20 -2.88 5.67 2.58
CA LYS A 20 -4.25 5.80 3.07
C LYS A 20 -5.00 4.52 2.71
N ASN A 21 -6.10 4.28 3.39
CA ASN A 21 -6.83 3.02 3.19
C ASN A 21 -8.15 3.22 2.50
N ASN A 22 -8.70 4.43 2.50
CA ASN A 22 -10.05 4.63 2.00
C ASN A 22 -10.07 5.47 0.75
N GLY A 23 -11.00 5.15 -0.17
CA GLY A 23 -11.19 5.98 -1.36
C GLY A 23 -11.65 5.18 -2.56
N VAL A 24 -11.73 5.84 -3.71
CA VAL A 24 -12.13 5.20 -4.96
C VAL A 24 -10.94 4.66 -5.72
N LEU A 25 -10.89 3.36 -5.94
CA LEU A 25 -9.78 2.73 -6.61
C LEU A 25 -9.92 2.78 -8.13
N PHE A 26 -11.14 2.61 -8.61
CA PHE A 26 -11.38 2.50 -10.06
C PHE A 26 -12.77 3.02 -10.38
N GLU A 27 -12.90 3.68 -11.53
CA GLU A 27 -14.25 4.06 -11.97
C GLU A 27 -14.26 4.10 -13.50
N ASN A 28 -15.17 3.33 -14.09
CA ASN A 28 -15.41 3.48 -15.54
C ASN A 28 -16.80 4.05 -15.70
N GLN A 29 -17.46 3.91 -16.84
CA GLN A 29 -18.80 4.49 -17.00
C GLN A 29 -19.90 3.61 -16.49
N LEU A 30 -19.62 2.39 -16.07
CA LEU A 30 -20.62 1.50 -15.50
C LEU A 30 -20.43 1.28 -13.99
N LEU A 31 -19.17 1.20 -13.57
CA LEU A 31 -18.86 0.67 -12.23
C LEU A 31 -17.86 1.54 -11.50
N GLN A 32 -18.13 1.78 -10.22
CA GLN A 32 -17.15 2.41 -9.33
C GLN A 32 -16.72 1.40 -8.27
N ILE A 33 -15.40 1.30 -8.05
CA ILE A 33 -14.91 0.38 -7.01
C ILE A 33 -14.25 1.22 -5.91
N GLY A 34 -14.80 1.14 -4.71
CA GLY A 34 -14.26 1.88 -3.57
C GLY A 34 -13.68 0.89 -2.54
N LEU A 35 -12.83 1.42 -1.66
CA LEU A 35 -12.16 0.57 -0.68
C LEU A 35 -12.25 1.19 0.70
N LYS A 36 -12.32 0.35 1.71
CA LYS A 36 -12.05 0.74 3.10
C LYS A 36 -11.28 -0.42 3.73
N SER A 37 -10.12 -0.14 4.30
CA SER A 37 -9.34 -1.22 4.92
C SER A 37 -8.87 -0.82 6.31
N GLU A 38 -8.59 -1.86 7.10
CA GLU A 38 -8.05 -1.73 8.45
C GLU A 38 -7.06 -2.89 8.66
N PHE A 39 -5.96 -2.60 9.36
CA PHE A 39 -4.91 -3.60 9.54
C PHE A 39 -4.49 -3.67 10.99
N ARG A 40 -4.07 -4.85 11.43
CA ARG A 40 -3.57 -5.04 12.78
C ARG A 40 -2.67 -6.27 12.83
N GLN A 41 -1.49 -6.12 13.41
CA GLN A 41 -0.53 -7.23 13.39
C GLN A 41 -0.23 -7.61 11.96
N ASN A 42 -0.25 -8.89 11.63
CA ASN A 42 -0.01 -9.34 10.26
C ASN A 42 -1.29 -9.54 9.49
N LEU A 43 -2.40 -8.96 9.97
CA LEU A 43 -3.70 -9.18 9.41
C LEU A 43 -4.36 -7.90 8.93
N GLY A 44 -5.38 -8.09 8.08
CA GLY A 44 -6.15 -6.93 7.60
C GLY A 44 -7.55 -7.36 7.20
N ARG A 45 -8.40 -6.37 7.04
CA ARG A 45 -9.74 -6.57 6.52
C ARG A 45 -9.99 -5.43 5.50
N MET A 46 -10.28 -5.82 4.29
CA MET A 46 -10.52 -4.83 3.22
C MET A 46 -11.96 -4.98 2.73
N PHE A 47 -12.71 -3.90 2.83
CA PHE A 47 -14.05 -3.86 2.27
C PHE A 47 -13.94 -3.33 0.83
N ILE A 48 -14.49 -4.06 -0.10
CA ILE A 48 -14.51 -3.60 -1.51
C ILE A 48 -15.97 -3.28 -1.85
N PHE A 49 -16.18 -2.07 -2.35
CA PHE A 49 -17.54 -1.62 -2.66
C PHE A 49 -17.70 -1.52 -4.17
N TYR A 50 -18.71 -2.18 -4.68
CA TYR A 50 -19.00 -2.17 -6.12
C TYR A 50 -20.27 -1.37 -6.36
N GLY A 51 -20.13 -0.22 -7.00
CA GLY A 51 -21.27 0.65 -7.25
C GLY A 51 -21.68 0.60 -8.71
N ASN A 52 -22.97 0.36 -8.92
CA ASN A 52 -23.54 0.33 -10.28
C ASN A 52 -24.02 1.73 -10.61
N LYS A 53 -23.34 2.37 -11.54
CA LYS A 53 -23.60 3.75 -11.90
C LYS A 53 -24.76 3.93 -12.85
N THR A 54 -25.31 2.85 -13.35
CA THR A 54 -26.37 2.89 -14.34
C THR A 54 -27.75 2.73 -13.74
N SER A 55 -28.76 2.75 -14.64
CA SER A 55 -30.12 2.47 -14.15
C SER A 55 -30.52 1.06 -14.48
N THR A 56 -29.59 0.20 -14.85
CA THR A 56 -29.83 -1.17 -15.25
C THR A 56 -29.08 -2.14 -14.33
N GLN A 57 -29.68 -3.23 -13.99
CA GLN A 57 -29.11 -4.24 -13.09
C GLN A 57 -28.00 -5.01 -13.75
N PHE A 58 -26.88 -5.26 -13.06
CA PHE A 58 -25.82 -6.11 -13.55
C PHE A 58 -26.17 -7.60 -13.19
N LEU A 59 -25.76 -8.49 -14.04
CA LEU A 59 -25.99 -9.92 -13.81
C LEU A 59 -24.67 -10.68 -13.76
N ASN A 60 -24.70 -11.83 -13.09
CA ASN A 60 -23.53 -12.69 -12.98
C ASN A 60 -22.31 -11.91 -12.50
N PHE A 61 -22.54 -11.01 -11.55
CA PHE A 61 -21.46 -10.13 -11.10
C PHE A 61 -20.47 -10.91 -10.24
N THR A 62 -19.27 -11.15 -10.75
CA THR A 62 -18.32 -12.07 -10.15
C THR A 62 -16.94 -11.48 -10.00
N PRO A 63 -16.60 -11.00 -8.82
CA PRO A 63 -15.27 -10.50 -8.49
C PRO A 63 -14.38 -11.64 -7.99
N THR A 64 -13.17 -11.76 -8.47
CA THR A 64 -12.25 -12.81 -8.01
C THR A 64 -10.88 -12.18 -7.72
N LEU A 65 -10.26 -12.63 -6.64
CA LEU A 65 -8.93 -12.17 -6.26
C LEU A 65 -7.88 -13.16 -6.76
N ILE A 66 -6.85 -12.69 -7.43
CA ILE A 66 -5.79 -13.54 -7.96
C ILE A 66 -4.43 -13.05 -7.44
N CYS A 67 -3.67 -13.95 -6.82
CA CYS A 67 -2.32 -13.61 -6.36
C CYS A 67 -1.30 -14.42 -7.19
N ALA A 68 -0.58 -13.76 -8.05
CA ALA A 68 0.35 -14.45 -8.96
C ALA A 68 1.39 -15.24 -8.19
N ASP A 69 1.64 -16.47 -8.60
CA ASP A 69 2.49 -17.43 -8.02
C ASP A 69 3.11 -17.13 -6.68
N ASP A 70 4.28 -16.54 -6.64
CA ASP A 70 5.01 -16.26 -5.40
C ASP A 70 4.15 -15.61 -4.36
N LEU A 71 3.33 -14.65 -4.78
CA LEU A 71 2.49 -13.88 -3.88
C LEU A 71 1.53 -14.70 -3.08
N GLN A 72 0.97 -15.75 -3.67
CA GLN A 72 -0.01 -16.59 -2.97
C GLN A 72 0.58 -17.21 -1.71
N THR A 73 1.87 -17.57 -1.74
CA THR A 73 2.49 -18.13 -0.55
C THR A 73 2.75 -17.08 0.51
N ASN A 74 3.00 -15.83 0.12
CA ASN A 74 3.33 -14.78 1.06
C ASN A 74 2.12 -14.03 1.58
N LEU A 75 0.99 -14.15 0.91
CA LEU A 75 -0.20 -13.33 1.30
C LEU A 75 -1.44 -14.18 1.14
N ASN A 76 -2.15 -14.44 2.22
CA ASN A 76 -3.34 -15.30 2.16
C ASN A 76 -4.60 -14.44 2.22
N LEU A 77 -5.40 -14.53 1.16
CA LEU A 77 -6.64 -13.77 1.08
C LEU A 77 -7.85 -14.70 1.15
N GLN A 78 -8.81 -14.38 1.97
CA GLN A 78 -10.03 -15.19 2.08
C GLN A 78 -11.23 -14.25 1.95
N THR A 79 -12.22 -14.71 1.18
CA THR A 79 -13.41 -13.89 0.99
C THR A 79 -14.63 -14.77 0.70
N LYS A 80 -15.80 -14.18 0.79
CA LYS A 80 -17.04 -14.92 0.47
C LYS A 80 -17.67 -14.29 -0.77
N PRO A 81 -18.27 -15.12 -1.61
CA PRO A 81 -18.89 -14.66 -2.84
C PRO A 81 -19.91 -13.56 -2.61
N VAL A 82 -20.05 -12.71 -3.60
CA VAL A 82 -20.99 -11.57 -3.57
C VAL A 82 -22.24 -11.97 -4.34
N ASP A 83 -23.41 -11.42 -4.02
CA ASP A 83 -24.60 -11.78 -4.81
C ASP A 83 -24.34 -11.27 -6.25
N PRO A 84 -24.59 -12.10 -7.23
CA PRO A 84 -24.24 -11.78 -8.61
C PRO A 84 -25.16 -10.76 -9.26
N THR A 85 -26.24 -10.37 -8.58
CA THR A 85 -27.18 -9.40 -9.18
C THR A 85 -27.07 -8.06 -8.49
N VAL A 86 -26.71 -7.00 -9.22
CA VAL A 86 -26.48 -5.70 -8.63
C VAL A 86 -27.41 -4.66 -9.26
N ASP A 87 -28.38 -4.17 -8.51
CA ASP A 87 -29.38 -3.25 -9.06
C ASP A 87 -28.70 -1.97 -9.56
N GLY A 88 -29.32 -1.31 -10.55
CA GLY A 88 -28.87 0.00 -10.98
C GLY A 88 -28.86 0.93 -9.76
N GLY A 89 -27.82 1.74 -9.62
CA GLY A 89 -27.68 2.67 -8.53
C GLY A 89 -27.29 2.04 -7.22
N ALA A 90 -27.22 0.73 -7.12
CA ALA A 90 -26.93 0.07 -5.87
C ALA A 90 -25.45 -0.20 -5.71
N GLN A 91 -25.10 -0.56 -4.49
CA GLN A 91 -23.73 -0.86 -4.13
C GLN A 91 -23.70 -2.22 -3.42
N VAL A 92 -22.78 -3.07 -3.82
CA VAL A 92 -22.62 -4.37 -3.16
C VAL A 92 -21.22 -4.40 -2.54
N GLN A 93 -21.09 -5.04 -1.39
CA GLN A 93 -19.81 -5.13 -0.70
C GLN A 93 -19.25 -6.54 -0.67
N GLN A 94 -17.93 -6.62 -0.67
CA GLN A 94 -17.19 -7.84 -0.48
C GLN A 94 -16.15 -7.62 0.63
N VAL A 95 -16.05 -8.50 1.60
CA VAL A 95 -15.04 -8.38 2.64
C VAL A 95 -13.91 -9.36 2.38
N VAL A 96 -12.70 -8.83 2.36
CA VAL A 96 -11.50 -9.65 2.15
C VAL A 96 -10.71 -9.71 3.45
N ASN A 97 -10.55 -10.92 3.97
CA ASN A 97 -9.72 -11.12 5.18
C ASN A 97 -8.30 -11.41 4.72
N ILE A 98 -7.35 -10.67 5.23
CA ILE A 98 -5.97 -10.69 4.73
C ILE A 98 -5.02 -11.19 5.82
N GLU A 99 -4.14 -12.10 5.43
CA GLU A 99 -3.10 -12.58 6.33
C GLU A 99 -1.74 -12.52 5.64
N CYS A 100 -0.82 -11.74 6.18
CA CYS A 100 0.51 -11.68 5.60
C CYS A 100 1.39 -12.79 6.17
N ILE A 101 1.87 -13.68 5.31
CA ILE A 101 2.68 -14.84 5.71
C ILE A 101 4.14 -14.46 5.79
N SER A 102 4.63 -13.73 4.79
CA SER A 102 6.01 -13.23 4.77
C SER A 102 6.03 -11.96 3.90
N ASP A 103 7.17 -11.27 3.87
CA ASP A 103 7.20 -10.02 3.10
C ASP A 103 7.00 -10.31 1.61
N PHE A 104 6.49 -9.34 0.90
CA PHE A 104 6.07 -9.49 -0.48
C PHE A 104 6.15 -8.16 -1.21
N THR A 105 6.24 -8.22 -2.53
CA THR A 105 6.33 -7.06 -3.39
C THR A 105 5.15 -6.92 -4.33
N GLU A 106 4.71 -8.05 -4.92
CA GLU A 106 3.62 -7.98 -5.88
C GLU A 106 2.31 -7.62 -5.22
N ALA A 107 1.31 -7.27 -6.03
CA ALA A 107 -0.03 -6.97 -5.52
C ALA A 107 -1.06 -7.93 -6.11
N PRO A 108 -2.07 -8.26 -5.34
CA PRO A 108 -3.15 -9.09 -5.83
C PRO A 108 -3.87 -8.38 -7.00
N VAL A 109 -4.48 -9.15 -7.87
CA VAL A 109 -5.32 -8.60 -8.93
C VAL A 109 -6.78 -8.90 -8.62
N LEU A 110 -7.63 -7.89 -8.71
CA LEU A 110 -9.07 -8.07 -8.57
C LEU A 110 -9.66 -8.12 -10.00
N ASN A 111 -10.18 -9.27 -10.37
CA ASN A 111 -10.80 -9.41 -11.68
C ASN A 111 -12.31 -9.40 -11.53
N ILE A 112 -13.00 -8.57 -12.29
CA ILE A 112 -14.46 -8.46 -12.14
C ILE A 112 -15.07 -8.76 -13.52
N GLN A 113 -15.94 -9.75 -13.57
CA GLN A 113 -16.68 -10.07 -14.78
C GLN A 113 -18.16 -9.97 -14.50
N PHE A 114 -18.90 -9.35 -15.39
CA PHE A 114 -20.35 -9.23 -15.21
C PHE A 114 -21.02 -9.02 -16.56
N ARG A 115 -22.34 -9.14 -16.57
CA ARG A 115 -23.13 -8.92 -17.78
C ARG A 115 -23.96 -7.64 -17.60
N TYR A 116 -23.88 -6.78 -18.62
CA TYR A 116 -24.62 -5.52 -18.61
C TYR A 116 -25.27 -5.32 -19.98
N GLY A 117 -26.60 -5.28 -19.99
CA GLY A 117 -27.35 -5.14 -21.23
C GLY A 117 -27.06 -6.29 -22.19
N GLY A 118 -26.80 -7.48 -21.65
CA GLY A 118 -26.45 -8.64 -22.40
C GLY A 118 -25.03 -8.72 -22.90
N THR A 119 -24.16 -7.79 -22.51
CA THR A 119 -22.78 -7.80 -22.99
C THR A 119 -21.83 -8.29 -21.89
N PHE A 120 -20.69 -8.80 -22.29
CA PHE A 120 -19.64 -9.23 -21.35
C PHE A 120 -18.79 -8.02 -20.95
N GLN A 121 -18.78 -7.74 -19.67
CA GLN A 121 -17.95 -6.64 -19.14
C GLN A 121 -16.83 -7.27 -18.30
N ASN A 122 -15.60 -6.80 -18.46
CA ASN A 122 -14.46 -7.44 -17.79
C ASN A 122 -13.48 -6.35 -17.36
N VAL A 123 -13.18 -6.30 -16.08
CA VAL A 123 -12.30 -5.30 -15.49
C VAL A 123 -11.23 -6.02 -14.64
N SER A 124 -9.99 -5.57 -14.73
CA SER A 124 -8.94 -6.09 -13.87
C SER A 124 -8.17 -4.93 -13.24
N VAL A 125 -8.04 -4.93 -11.94
CA VAL A 125 -7.34 -3.80 -11.27
C VAL A 125 -6.48 -4.34 -10.13
N LYS A 126 -5.29 -3.75 -9.98
CA LYS A 126 -4.40 -4.18 -8.89
C LYS A 126 -4.96 -3.68 -7.55
N LEU A 127 -4.97 -4.56 -6.56
CA LEU A 127 -5.52 -4.21 -5.24
C LEU A 127 -4.37 -3.74 -4.35
N PRO A 128 -4.51 -2.59 -3.71
CA PRO A 128 -3.46 -1.98 -2.91
C PRO A 128 -3.30 -2.58 -1.54
N ILE A 129 -2.83 -3.83 -1.51
CA ILE A 129 -2.35 -4.47 -0.29
C ILE A 129 -0.81 -4.50 -0.40
N THR A 130 -0.17 -3.67 0.37
CA THR A 130 1.28 -3.44 0.29
C THR A 130 1.91 -3.75 1.63
N LEU A 131 3.22 -3.97 1.62
CA LEU A 131 3.92 -4.48 2.80
C LEU A 131 3.80 -3.56 3.98
N ASN A 132 3.81 -2.25 3.76
CA ASN A 132 3.75 -1.29 4.84
C ASN A 132 2.45 -1.29 5.60
N LYS A 133 1.38 -1.92 5.08
CA LYS A 133 0.13 -2.03 5.79
C LYS A 133 0.25 -2.82 7.07
N PHE A 134 1.30 -3.62 7.20
CA PHE A 134 1.51 -4.48 8.34
C PHE A 134 2.46 -3.91 9.35
N PHE A 135 2.59 -2.58 9.36
CA PHE A 135 3.41 -1.91 10.35
C PHE A 135 2.78 -1.81 11.73
N GLN A 136 3.60 -1.97 12.76
CA GLN A 136 3.34 -1.51 14.11
C GLN A 136 4.29 -0.33 14.35
N PRO A 137 3.77 0.86 14.55
CA PRO A 137 4.63 2.01 14.84
C PRO A 137 5.33 1.78 16.18
N THR A 138 6.61 2.16 16.28
CA THR A 138 7.35 1.97 17.54
C THR A 138 8.01 3.28 17.96
N GLU A 139 7.33 3.93 18.93
CA GLU A 139 7.88 5.15 19.53
C GLU A 139 9.09 4.76 20.41
N MET A 140 10.12 5.58 20.40
CA MET A 140 11.27 5.26 21.24
C MET A 140 12.08 6.53 21.52
N ALA A 141 12.88 6.44 22.58
CA ALA A 141 13.79 7.53 22.92
C ALA A 141 14.82 7.72 21.80
N SER A 142 15.29 8.95 21.65
CA SER A 142 16.32 9.28 20.68
C SER A 142 17.53 8.37 20.80
N GLN A 143 17.99 8.15 22.04
CA GLN A 143 19.18 7.35 22.28
C GLN A 143 18.96 5.91 21.83
N ASP A 144 17.73 5.43 22.01
CA ASP A 144 17.38 4.08 21.60
C ASP A 144 17.32 3.93 20.10
N PHE A 145 16.90 4.97 19.37
CA PHE A 145 16.91 4.93 17.92
C PHE A 145 18.36 4.83 17.41
N PHE A 146 19.24 5.67 17.98
CA PHE A 146 20.64 5.64 17.51
C PHE A 146 21.31 4.31 17.78
N GLN A 147 21.02 3.71 18.94
CA GLN A 147 21.61 2.40 19.24
C GLN A 147 21.17 1.38 18.21
N ARG A 148 19.88 1.41 17.86
CA ARG A 148 19.36 0.45 16.87
C ARG A 148 19.86 0.71 15.49
N TRP A 149 19.97 1.97 15.09
CA TRP A 149 20.48 2.33 13.77
C TRP A 149 21.88 1.77 13.57
N LYS A 150 22.69 1.81 14.62
CA LYS A 150 24.08 1.38 14.56
C LYS A 150 24.28 -0.09 14.81
N GLN A 151 23.20 -0.85 14.83
CA GLN A 151 23.28 -2.31 14.93
C GLN A 151 23.20 -2.96 13.56
N LEU A 152 23.06 -2.21 12.49
CA LEU A 152 23.05 -2.85 11.16
C LEU A 152 24.47 -3.30 10.81
N SER A 153 24.61 -4.54 10.35
CA SER A 153 25.95 -4.97 9.92
C SER A 153 25.92 -5.48 8.48
N ASN A 154 24.79 -6.06 8.08
CA ASN A 154 24.66 -6.57 6.70
C ASN A 154 24.39 -5.39 5.79
N PRO A 155 25.25 -5.13 4.82
CA PRO A 155 25.13 -4.01 3.91
C PRO A 155 23.87 -4.07 3.05
N GLN A 156 23.35 -5.27 2.84
CA GLN A 156 22.15 -5.48 2.03
C GLN A 156 20.91 -4.96 2.76
N GLN A 157 21.02 -4.81 4.07
CA GLN A 157 19.90 -4.37 4.88
C GLN A 157 19.71 -2.88 4.86
N GLU A 158 20.63 -2.12 4.29
CA GLU A 158 20.46 -0.68 4.11
C GLU A 158 20.18 -0.36 2.64
N VAL A 159 19.11 0.32 2.38
CA VAL A 159 18.76 0.73 1.01
C VAL A 159 18.55 2.23 0.99
N GLN A 160 19.23 2.93 0.11
CA GLN A 160 19.15 4.38 -0.02
C GLN A 160 18.68 4.77 -1.41
N ASN A 161 17.88 5.82 -1.46
CA ASN A 161 17.39 6.33 -2.74
C ASN A 161 17.44 7.85 -2.70
N ILE A 162 18.16 8.43 -3.65
CA ILE A 162 18.20 9.90 -3.80
C ILE A 162 17.40 10.25 -5.05
N PHE A 163 16.25 10.88 -4.89
CA PHE A 163 15.28 11.01 -5.97
C PHE A 163 14.67 12.39 -6.03
N LYS A 164 14.15 12.76 -7.22
CA LYS A 164 13.48 14.02 -7.41
C LYS A 164 12.06 14.00 -6.85
N ALA A 165 11.68 15.11 -6.22
CA ALA A 165 10.33 15.22 -5.68
C ALA A 165 9.34 15.17 -6.85
N LYS A 166 8.27 14.44 -6.68
CA LYS A 166 7.21 14.39 -7.68
C LYS A 166 6.06 15.31 -7.28
N HIS A 167 6.04 15.71 -6.01
CA HIS A 167 4.98 16.60 -5.52
C HIS A 167 5.66 17.74 -4.75
N PRO A 168 4.97 18.86 -4.64
CA PRO A 168 5.48 19.98 -3.84
C PRO A 168 5.87 19.46 -2.46
N MET A 169 6.99 19.98 -1.97
CA MET A 169 7.58 19.47 -0.72
C MET A 169 7.00 20.14 0.50
N ASP A 170 5.70 19.96 0.72
CA ASP A 170 4.97 20.53 1.82
C ASP A 170 5.18 19.73 3.10
N THR A 171 5.60 20.38 4.17
CA THR A 171 5.90 19.75 5.43
C THR A 171 4.74 18.95 6.00
N GLU A 172 3.57 19.56 6.13
CA GLU A 172 2.45 18.86 6.79
C GLU A 172 2.00 17.66 6.00
N ILE A 173 1.99 17.78 4.67
CA ILE A 173 1.64 16.65 3.81
C ILE A 173 2.68 15.55 3.98
N THR A 174 3.95 15.93 4.08
CA THR A 174 5.01 14.93 4.25
C THR A 174 4.84 14.17 5.55
N LYS A 175 4.58 14.86 6.65
CA LYS A 175 4.35 14.22 7.93
C LYS A 175 3.16 13.26 7.83
N ALA A 176 2.07 13.73 7.21
CA ALA A 176 0.88 12.89 7.09
C ALA A 176 1.16 11.64 6.27
N LYS A 177 1.97 11.78 5.23
CA LYS A 177 2.33 10.62 4.40
C LYS A 177 3.16 9.62 5.19
N ILE A 178 4.11 10.10 5.99
CA ILE A 178 4.93 9.15 6.78
C ILE A 178 4.06 8.42 7.78
N ILE A 179 3.17 9.18 8.45
CA ILE A 179 2.29 8.55 9.45
C ILE A 179 1.35 7.56 8.79
N GLY A 180 0.83 7.92 7.61
CA GLY A 180 -0.07 7.04 6.87
C GLY A 180 0.66 5.82 6.33
N PHE A 181 1.95 5.94 6.04
CA PHE A 181 2.75 4.79 5.59
C PHE A 181 2.78 3.72 6.66
N GLY A 182 2.87 4.14 7.94
CA GLY A 182 2.64 3.23 9.03
C GLY A 182 3.65 3.21 10.13
N SER A 183 4.84 3.76 9.95
CA SER A 183 5.81 3.77 11.06
C SER A 183 5.45 4.90 12.04
N ALA A 184 6.11 4.88 13.19
CA ALA A 184 6.04 6.02 14.09
C ALA A 184 6.85 7.17 13.46
N LEU A 185 6.48 8.39 13.71
CA LEU A 185 7.21 9.57 13.24
C LEU A 185 7.93 10.15 14.45
N LEU A 186 9.23 10.00 14.49
CA LEU A 186 10.01 10.36 15.67
C LEU A 186 10.58 11.78 15.54
N GLU A 187 10.19 12.62 16.49
CA GLU A 187 10.73 13.98 16.56
C GLU A 187 11.98 13.92 17.43
N GLU A 188 12.81 14.95 17.40
CA GLU A 188 13.98 15.10 18.18
C GLU A 188 14.97 13.95 18.11
N VAL A 189 15.13 13.37 16.92
CA VAL A 189 16.14 12.33 16.72
C VAL A 189 17.24 12.84 15.80
N ASP A 190 16.87 13.18 14.55
CA ASP A 190 17.87 13.85 13.67
C ASP A 190 18.03 15.29 14.17
N PRO A 191 19.24 15.74 14.41
CA PRO A 191 19.48 17.08 14.92
C PRO A 191 18.97 18.16 14.01
N ASN A 192 18.87 17.89 12.71
CA ASN A 192 18.25 18.88 11.79
C ASN A 192 16.76 18.68 11.84
N PRO A 193 15.99 19.65 12.34
CA PRO A 193 14.59 19.53 12.56
C PRO A 193 13.76 19.46 11.30
N ALA A 194 14.38 19.73 10.15
CA ALA A 194 13.67 19.64 8.87
C ALA A 194 13.68 18.21 8.33
N ASN A 195 14.49 17.35 8.89
CA ASN A 195 14.51 15.94 8.42
C ASN A 195 13.46 15.13 9.16
N PHE A 196 13.12 13.97 8.62
CA PHE A 196 12.15 13.08 9.23
C PHE A 196 12.78 11.73 9.56
N VAL A 197 12.33 11.16 10.67
CA VAL A 197 12.82 9.87 11.13
C VAL A 197 11.63 8.99 11.50
N GLY A 198 11.66 7.73 11.12
CA GLY A 198 10.56 6.81 11.39
C GLY A 198 11.09 5.49 11.93
N ALA A 199 10.22 4.78 12.67
CA ALA A 199 10.59 3.46 13.20
C ALA A 199 9.34 2.62 13.35
N GLY A 200 9.45 1.34 13.04
CA GLY A 200 8.30 0.44 13.26
C GLY A 200 8.73 -1.00 12.99
N ILE A 201 7.80 -1.91 13.26
CA ILE A 201 8.02 -3.33 13.02
C ILE A 201 7.02 -3.81 11.96
N ILE A 202 7.49 -4.44 10.91
CA ILE A 202 6.61 -5.07 9.91
C ILE A 202 6.27 -6.49 10.42
N HIS A 203 4.98 -6.76 10.55
CA HIS A 203 4.53 -8.03 11.09
C HIS A 203 4.07 -9.00 10.00
N THR A 204 4.64 -10.20 10.06
CA THR A 204 4.29 -11.29 9.18
C THR A 204 4.12 -12.56 10.03
N LYS A 205 3.44 -13.58 9.50
CA LYS A 205 3.27 -14.80 10.28
C LYS A 205 4.62 -15.39 10.67
N THR A 206 5.58 -15.41 9.76
CA THR A 206 6.82 -16.11 9.99
C THR A 206 7.94 -15.29 10.57
N THR A 207 7.94 -13.97 10.41
CA THR A 207 9.06 -13.14 10.85
C THR A 207 8.57 -11.72 11.17
N GLN A 208 9.14 -11.11 12.18
CA GLN A 208 8.82 -9.71 12.54
C GLN A 208 10.06 -8.86 12.22
N ILE A 209 9.91 -7.89 11.33
CA ILE A 209 11.07 -7.15 10.83
C ILE A 209 11.14 -5.74 11.42
N GLY A 210 12.22 -5.46 12.14
CA GLY A 210 12.43 -4.13 12.71
C GLY A 210 12.90 -3.19 11.60
N CYS A 211 12.31 -2.00 11.54
CA CYS A 211 12.55 -1.06 10.46
C CYS A 211 12.80 0.35 10.95
N LEU A 212 13.81 0.98 10.40
CA LEU A 212 14.19 2.36 10.72
C LEU A 212 14.28 3.14 9.42
N LEU A 213 13.84 4.40 9.40
CA LEU A 213 13.94 5.17 8.18
C LEU A 213 14.33 6.61 8.48
N ARG A 214 14.97 7.20 7.48
CA ARG A 214 15.37 8.63 7.55
C ARG A 214 15.03 9.30 6.21
N LEU A 215 14.29 10.38 6.25
CA LEU A 215 13.96 11.11 5.02
C LEU A 215 14.54 12.51 5.14
N GLU A 216 15.47 12.85 4.26
CA GLU A 216 16.11 14.16 4.27
C GLU A 216 15.75 14.99 3.04
N PRO A 217 14.87 15.95 3.16
CA PRO A 217 14.48 16.81 2.05
C PRO A 217 15.59 17.78 1.68
N ASN A 218 15.71 18.05 0.39
CA ASN A 218 16.61 19.13 -0.09
C ASN A 218 15.73 20.08 -0.91
N LEU A 219 15.21 21.09 -0.24
CA LEU A 219 14.23 22.00 -0.87
C LEU A 219 14.77 22.71 -2.09
N GLN A 220 16.01 23.18 -2.02
CA GLN A 220 16.55 23.95 -3.17
C GLN A 220 16.80 23.05 -4.35
N ALA A 221 17.19 21.80 -4.13
CA ALA A 221 17.39 20.86 -5.23
C ALA A 221 16.10 20.14 -5.61
N GLN A 222 15.05 20.29 -4.84
CA GLN A 222 13.79 19.57 -5.03
C GLN A 222 14.01 18.06 -5.08
N MET A 223 14.79 17.57 -4.11
CA MET A 223 15.14 16.17 -4.05
C MET A 223 15.02 15.68 -2.60
N TYR A 224 15.00 14.35 -2.49
CA TYR A 224 15.02 13.71 -1.18
C TYR A 224 16.14 12.66 -1.13
N ARG A 225 16.66 12.41 0.05
CA ARG A 225 17.47 11.24 0.33
C ARG A 225 16.70 10.37 1.34
N LEU A 226 16.27 9.21 0.91
CA LEU A 226 15.58 8.28 1.82
C LEU A 226 16.49 7.11 2.13
N THR A 227 16.60 6.77 3.40
CA THR A 227 17.39 5.64 3.84
C THR A 227 16.54 4.68 4.68
N LEU A 228 16.49 3.44 4.30
CA LEU A 228 15.86 2.38 5.05
C LEU A 228 16.93 1.49 5.67
N ARG A 229 16.86 1.18 6.94
CA ARG A 229 17.66 0.17 7.57
C ARG A 229 16.72 -0.80 8.31
N THR A 230 16.67 -2.05 7.90
CA THR A 230 15.75 -3.01 8.52
C THR A 230 16.49 -4.33 8.77
N SER A 231 15.82 -5.23 9.46
CA SER A 231 16.45 -6.54 9.73
C SER A 231 16.26 -7.53 8.61
N LYS A 232 15.77 -7.12 7.45
CA LYS A 232 15.65 -8.02 6.30
C LYS A 232 15.84 -7.25 5.01
N ASP A 233 16.80 -7.65 4.18
CA ASP A 233 17.14 -6.95 2.97
C ASP A 233 15.95 -6.67 2.07
N THR A 234 15.13 -7.70 1.83
CA THR A 234 14.00 -7.55 0.91
C THR A 234 12.96 -6.57 1.44
N VAL A 235 12.88 -6.44 2.75
CA VAL A 235 11.96 -5.45 3.34
C VAL A 235 12.51 -4.05 3.18
N SER A 236 13.83 -3.88 3.42
CA SER A 236 14.42 -2.55 3.17
C SER A 236 14.13 -2.10 1.74
N GLN A 237 14.34 -3.03 0.78
CA GLN A 237 14.12 -2.70 -0.61
C GLN A 237 12.68 -2.35 -0.91
N ARG A 238 11.73 -3.19 -0.51
CA ARG A 238 10.31 -2.92 -0.84
C ARG A 238 9.80 -1.65 -0.18
N LEU A 239 10.16 -1.44 1.10
CA LEU A 239 9.71 -0.22 1.77
C LEU A 239 10.30 1.02 1.10
N CYS A 240 11.58 0.94 0.73
CA CYS A 240 12.19 2.09 0.06
C CYS A 240 11.49 2.40 -1.25
N GLU A 241 11.15 1.38 -2.03
CA GLU A 241 10.46 1.55 -3.30
C GLU A 241 9.10 2.24 -3.08
N LEU A 242 8.34 1.69 -2.15
CA LEU A 242 6.99 2.19 -1.89
C LEU A 242 7.02 3.63 -1.42
N LEU A 243 7.87 3.92 -0.42
CA LEU A 243 7.85 5.27 0.15
C LEU A 243 8.43 6.30 -0.80
N SER A 244 9.37 5.91 -1.64
CA SER A 244 9.93 6.86 -2.62
C SER A 244 8.88 7.36 -3.57
N GLU A 245 7.96 6.51 -3.99
CA GLU A 245 6.94 6.88 -4.97
C GLU A 245 5.94 7.88 -4.44
N GLN A 246 5.91 8.13 -3.14
CA GLN A 246 4.96 9.00 -2.53
C GLN A 246 5.35 10.45 -2.47
N PHE A 247 6.59 10.80 -2.75
CA PHE A 247 7.07 12.17 -2.57
C PHE A 247 7.53 12.83 -3.84
#